data_5M55
#
_entry.id   5M55
#
_cell.length_a   100.300
_cell.length_b   57.610
_cell.length_c   79.920
_cell.angle_alpha   90.00
_cell.angle_beta   132.99
_cell.angle_gamma   90.00
#
_symmetry.space_group_name_H-M   'C 1 2 1'
#
loop_
_entity.id
_entity.type
_entity.pdbx_description
1 polymer 'Serine/threonine-protein kinase Nek2'
2 non-polymer 6-[(~{Z})-2-(diethylamino)ethenyl]-~{N}-phenyl-7~{H}-purin-2-amine
3 non-polymer 'SULFATE ION'
4 non-polymer 'CHLORIDE ION'
5 water water
#
_entity_poly.entity_id   1
_entity_poly.type   'polypeptide(L)'
_entity_poly.pdbx_seq_one_letter_code
;MPSRAEDYEVLYTIGTGSYGRCQKIRRKSDGKILVWKELDYGSMTEAEKQMLVSEVNLLRELKHPNIVRYYDRIIDRTNT
TLYIVMEYCEGGDLASVITKGTKERQYLDEEFVLRVMTQLTLALKECHRRSDGGHTVLHRDLKPANVFLDGKQNVKLGDF
GLARILNHDTSFAKTFVGTPYYMSPEQMNRMSYNEKSDIWSLGCLLYELCALMPPFTAFSQKELAGKIREGKFRRIPYRY
SDELNEIITRMLNLKDYHRPSVEEILENPLILEHHHHHH
;
_entity_poly.pdbx_strand_id   A
#
# COMPACT_ATOMS: atom_id res chain seq x y z
N SER A 3 -3.30 13.83 24.13
CA SER A 3 -4.70 13.54 23.87
C SER A 3 -5.44 14.77 23.35
N ARG A 4 -4.75 15.90 23.32
CA ARG A 4 -5.33 17.15 22.83
C ARG A 4 -4.50 17.73 21.69
N ALA A 5 -5.16 18.43 20.78
CA ALA A 5 -4.45 19.07 19.66
C ALA A 5 -3.30 19.95 20.15
N GLU A 6 -3.49 20.55 21.32
CA GLU A 6 -2.52 21.49 21.90
C GLU A 6 -1.19 20.82 22.20
N ASP A 7 -1.20 19.49 22.26
CA ASP A 7 0.02 18.73 22.52
C ASP A 7 0.93 18.62 21.30
N TYR A 8 0.37 18.89 20.13
CA TYR A 8 1.12 18.83 18.88
C TYR A 8 1.21 20.22 18.25
N GLU A 9 2.29 20.46 17.51
CA GLU A 9 2.41 21.64 16.68
C GLU A 9 2.45 21.24 15.20
N VAL A 10 1.57 21.84 14.41
CA VAL A 10 1.57 21.62 12.97
C VAL A 10 2.81 22.24 12.33
N LEU A 11 3.53 21.47 11.53
CA LEU A 11 4.68 21.98 10.77
C LEU A 11 4.19 22.48 9.40
N TYR A 12 3.63 21.58 8.59
CA TYR A 12 3.05 22.01 7.30
C TYR A 12 2.09 20.99 6.70
N THR A 13 1.32 21.44 5.72
CA THR A 13 0.39 20.56 5.04
C THR A 13 1.14 19.66 4.06
N ILE A 14 0.79 18.37 4.04
CA ILE A 14 1.37 17.44 3.10
C ILE A 14 0.51 17.36 1.86
N GLY A 15 -0.78 17.06 2.08
CA GLY A 15 -1.76 16.99 1.01
C GLY A 15 -3.15 17.36 1.49
N THR A 16 -4.00 17.79 0.56
CA THR A 16 -5.38 18.14 0.90
C THR A 16 -6.36 17.47 -0.05
N ARG A 21 -7.62 16.51 5.38
CA ARG A 21 -6.31 17.11 5.16
C ARG A 21 -5.22 16.36 5.91
N CYS A 22 -4.09 16.17 5.24
CA CYS A 22 -2.92 15.48 5.80
C CYS A 22 -1.83 16.48 6.18
N GLN A 23 -1.37 16.44 7.42
CA GLN A 23 -0.36 17.39 7.90
C GLN A 23 0.76 16.73 8.70
N LYS A 24 1.96 17.25 8.55
CA LYS A 24 3.12 16.78 9.31
C LYS A 24 3.16 17.54 10.61
N ILE A 25 3.34 16.83 11.73
CA ILE A 25 3.28 17.44 13.06
C ILE A 25 4.39 16.97 13.99
N ARG A 26 4.66 17.79 15.02
CA ARG A 26 5.64 17.44 16.03
C ARG A 26 4.99 17.42 17.42
N ARG A 27 5.18 16.30 18.12
CA ARG A 27 4.65 16.13 19.49
C ARG A 27 5.48 16.93 20.51
N LYS A 28 4.83 17.74 21.33
CA LYS A 28 5.56 18.67 22.19
C LYS A 28 6.36 17.98 23.30
N SER A 29 5.78 16.94 23.90
CA SER A 29 6.41 16.21 24.98
C SER A 29 7.83 15.70 24.68
N ASP A 30 8.07 15.21 23.47
CA ASP A 30 9.39 14.67 23.11
C ASP A 30 9.90 15.10 21.74
N GLY A 31 9.10 15.86 20.99
CA GLY A 31 9.51 16.29 19.66
C GLY A 31 9.35 15.26 18.55
N LYS A 32 8.60 14.18 18.80
CA LYS A 32 8.44 13.13 17.79
C LYS A 32 7.73 13.63 16.53
N ILE A 33 8.27 13.26 15.37
CA ILE A 33 7.63 13.63 14.11
C ILE A 33 6.54 12.62 13.75
N LEU A 34 5.33 13.11 13.57
CA LEU A 34 4.20 12.28 13.17
C LEU A 34 3.43 12.95 12.03
N VAL A 35 2.36 12.31 11.58
CA VAL A 35 1.39 12.99 10.73
C VAL A 35 0.03 12.86 11.39
N TRP A 36 -0.92 13.69 11.00
CA TRP A 36 -2.31 13.33 11.25
C TRP A 36 -3.23 13.64 10.08
N LYS A 37 -4.41 13.04 10.13
CA LYS A 37 -5.43 13.22 9.10
C LYS A 37 -6.60 14.02 9.63
N GLU A 38 -7.01 15.07 8.91
CA GLU A 38 -8.15 15.91 9.29
C GLU A 38 -9.47 15.42 8.74
N LEU A 39 -10.36 15.01 9.62
CA LEU A 39 -11.70 14.63 9.21
C LEU A 39 -12.72 15.55 9.85
N ASP A 40 -13.48 16.26 9.02
CA ASP A 40 -14.60 17.08 9.48
C ASP A 40 -15.85 16.22 9.54
N TYR A 41 -16.26 15.85 10.74
CA TYR A 41 -17.48 15.06 10.93
C TYR A 41 -18.66 15.97 11.22
N GLY A 42 -18.51 17.25 10.90
CA GLY A 42 -19.56 18.24 11.16
C GLY A 42 -20.77 18.06 10.27
N SER A 43 -20.79 16.96 9.51
CA SER A 43 -21.92 16.67 8.65
C SER A 43 -22.27 15.19 8.67
N MET A 44 -21.69 14.46 9.61
CA MET A 44 -21.97 13.05 9.74
C MET A 44 -23.13 12.79 10.68
N THR A 45 -23.94 11.79 10.32
CA THR A 45 -25.02 11.32 11.16
C THR A 45 -24.44 10.53 12.33
N GLU A 46 -25.27 10.23 13.32
CA GLU A 46 -24.83 9.40 14.43
C GLU A 46 -24.58 7.98 13.93
N ALA A 47 -25.13 7.69 12.76
CA ALA A 47 -24.95 6.39 12.11
C ALA A 47 -23.60 6.31 11.41
N GLU A 48 -23.13 7.43 10.89
CA GLU A 48 -21.83 7.49 10.24
C GLU A 48 -20.69 7.58 11.25
N LYS A 49 -20.92 8.35 12.32
CA LYS A 49 -19.92 8.51 13.37
C LYS A 49 -19.75 7.24 14.19
N GLN A 50 -20.74 6.36 14.11
CA GLN A 50 -20.63 5.05 14.73
C GLN A 50 -19.79 4.14 13.83
N MET A 51 -19.99 4.27 12.53
CA MET A 51 -19.22 3.53 11.54
C MET A 51 -17.78 4.02 11.52
N LEU A 52 -17.57 5.27 11.90
CA LEU A 52 -16.24 5.87 11.91
C LEU A 52 -15.46 5.50 13.15
N VAL A 53 -16.14 5.49 14.30
CA VAL A 53 -15.49 5.19 15.58
C VAL A 53 -14.93 3.76 15.64
N SER A 54 -15.76 2.80 15.25
CA SER A 54 -15.36 1.39 15.27
C SER A 54 -14.25 1.14 14.26
N GLU A 55 -14.37 1.75 13.09
CA GLU A 55 -13.36 1.65 12.04
C GLU A 55 -11.98 2.01 12.57
N VAL A 56 -11.90 3.13 13.27
CA VAL A 56 -10.64 3.60 13.81
C VAL A 56 -10.09 2.66 14.88
N ASN A 57 -10.98 2.09 15.69
CA ASN A 57 -10.52 1.26 16.80
C ASN A 57 -9.97 -0.08 16.34
N LEU A 58 -10.33 -0.49 15.12
CA LEU A 58 -9.73 -1.66 14.52
C LEU A 58 -8.34 -1.32 13.99
N LEU A 59 -8.23 -0.13 13.39
CA LEU A 59 -6.94 0.39 12.93
C LEU A 59 -5.94 0.49 14.10
N ARG A 60 -6.44 0.80 15.29
CA ARG A 60 -5.61 0.85 16.49
C ARG A 60 -4.99 -0.50 16.82
N GLU A 61 -5.63 -1.57 16.37
CA GLU A 61 -5.26 -2.93 16.75
C GLU A 61 -4.11 -3.51 15.92
N LEU A 62 -3.86 -2.94 14.74
CA LEU A 62 -2.84 -3.43 13.80
C LEU A 62 -1.42 -2.96 14.07
N LYS A 63 -0.69 -3.67 14.93
CA LYS A 63 0.71 -3.37 15.13
C LYS A 63 1.61 -4.32 14.33
N HIS A 64 2.40 -3.77 13.41
CA HIS A 64 3.28 -4.59 12.58
C HIS A 64 4.32 -3.70 11.91
N PRO A 65 5.59 -4.14 11.86
CA PRO A 65 6.63 -3.26 11.31
C PRO A 65 6.34 -2.83 9.85
N ASN A 66 5.57 -3.61 9.11
CA ASN A 66 5.27 -3.26 7.72
C ASN A 66 3.85 -2.71 7.49
N ILE A 67 3.18 -2.25 8.56
CA ILE A 67 1.92 -1.53 8.45
C ILE A 67 2.08 -0.15 9.09
N VAL A 68 1.63 0.90 8.40
CA VAL A 68 1.71 2.24 8.94
C VAL A 68 1.10 2.20 10.30
N ARG A 69 1.79 2.77 11.28
CA ARG A 69 1.42 2.68 12.69
C ARG A 69 0.48 3.81 13.15
N TYR A 70 -0.60 3.44 13.83
CA TYR A 70 -1.52 4.40 14.42
C TYR A 70 -1.05 4.86 15.82
N TYR A 71 -1.16 6.14 16.15
CA TYR A 71 -0.74 6.59 17.49
C TYR A 71 -1.84 7.14 18.38
N ASP A 72 -2.76 7.90 17.81
CA ASP A 72 -3.74 8.60 18.64
C ASP A 72 -4.93 9.09 17.82
N ARG A 73 -6.05 9.32 18.49
CA ARG A 73 -7.21 9.97 17.89
C ARG A 73 -7.61 11.15 18.76
N ILE A 74 -7.94 12.28 18.14
CA ILE A 74 -8.21 13.50 18.90
C ILE A 74 -9.51 14.14 18.44
N ILE A 75 -10.25 14.71 19.39
CA ILE A 75 -11.53 15.34 19.10
C ILE A 75 -11.47 16.85 19.37
N ASP A 76 -12.12 17.62 18.51
CA ASP A 76 -12.22 19.06 18.70
C ASP A 76 -13.61 19.51 18.32
N ARG A 77 -14.51 19.46 19.30
CA ARG A 77 -15.93 19.77 19.10
C ARG A 77 -16.14 21.13 18.47
N THR A 78 -15.23 22.05 18.73
CA THR A 78 -15.36 23.43 18.28
C THR A 78 -15.09 23.55 16.79
N ASN A 79 -14.33 22.62 16.25
CA ASN A 79 -14.06 22.58 14.82
C ASN A 79 -14.90 21.51 14.15
N THR A 80 -15.43 20.61 14.97
CA THR A 80 -16.08 19.37 14.51
C THR A 80 -15.08 18.60 13.64
N THR A 81 -13.84 18.56 14.11
CA THR A 81 -12.73 18.00 13.38
C THR A 81 -12.14 16.80 14.13
N LEU A 82 -12.03 15.67 13.45
CA LEU A 82 -11.37 14.50 14.01
C LEU A 82 -9.96 14.37 13.47
N TYR A 83 -9.04 14.12 14.39
CA TYR A 83 -7.62 14.05 14.11
C TYR A 83 -7.14 12.63 14.28
N ILE A 84 -6.66 12.00 13.22
CA ILE A 84 -6.09 10.67 13.38
C ILE A 84 -4.59 10.75 13.25
N VAL A 85 -3.88 10.40 14.31
CA VAL A 85 -2.43 10.60 14.39
C VAL A 85 -1.63 9.34 14.06
N MET A 86 -0.75 9.45 13.07
CA MET A 86 -0.02 8.28 12.60
C MET A 86 1.46 8.53 12.41
N GLU A 87 2.21 7.45 12.21
CA GLU A 87 3.63 7.54 11.95
C GLU A 87 3.91 8.25 10.61
N TYR A 88 5.00 8.99 10.59
CA TYR A 88 5.46 9.67 9.42
C TYR A 88 6.42 8.77 8.62
N CYS A 89 6.12 8.55 7.35
CA CYS A 89 7.01 7.77 6.47
C CYS A 89 7.74 8.71 5.56
N GLU A 90 9.00 8.99 5.86
CA GLU A 90 9.69 10.09 5.19
C GLU A 90 10.07 9.81 3.73
N GLY A 91 9.98 8.56 3.30
CA GLY A 91 10.33 8.21 1.93
C GLY A 91 9.20 8.47 0.95
N GLY A 92 8.02 8.77 1.46
CA GLY A 92 6.88 9.02 0.60
C GLY A 92 6.18 7.76 0.13
N ASP A 93 5.23 7.94 -0.78
CA ASP A 93 4.46 6.85 -1.37
C ASP A 93 5.16 6.24 -2.58
N LEU A 94 4.64 5.12 -3.06
CA LEU A 94 5.25 4.38 -4.16
C LEU A 94 4.79 4.91 -5.53
N ALA A 95 3.62 5.54 -5.54
CA ALA A 95 3.16 6.15 -6.77
C ALA A 95 4.20 7.16 -7.23
N SER A 96 4.68 7.96 -6.28
CA SER A 96 5.67 9.00 -6.59
C SER A 96 6.97 8.39 -7.03
N VAL A 97 7.33 7.24 -6.47
CA VAL A 97 8.56 6.56 -6.92
C VAL A 97 8.43 6.12 -8.37
N ILE A 98 7.24 5.67 -8.73
CA ILE A 98 6.94 5.15 -10.06
C ILE A 98 6.92 6.29 -11.08
N THR A 99 6.24 7.38 -10.70
CA THR A 99 6.17 8.58 -11.53
C THR A 99 7.56 9.16 -11.74
N LYS A 100 8.36 9.15 -10.68
CA LYS A 100 9.74 9.61 -10.75
C LYS A 100 10.57 8.83 -11.76
N GLY A 101 10.27 7.54 -11.89
CA GLY A 101 11.03 6.66 -12.76
C GLY A 101 10.70 6.82 -14.23
N THR A 102 9.45 7.18 -14.53
CA THR A 102 9.05 7.44 -15.90
C THR A 102 9.71 8.72 -16.41
N LYS A 103 9.69 9.76 -15.56
CA LYS A 103 10.20 11.08 -15.91
C LYS A 103 11.70 11.11 -16.18
N GLU A 104 12.44 10.24 -15.47
CA GLU A 104 13.89 10.23 -15.55
C GLU A 104 14.40 9.02 -16.36
N ARG A 105 13.46 8.29 -16.96
CA ARG A 105 13.77 7.16 -17.83
C ARG A 105 14.72 6.15 -17.18
N GLN A 106 14.48 5.86 -15.90
CA GLN A 106 15.30 4.94 -15.13
C GLN A 106 14.45 3.89 -14.42
N TYR A 107 14.74 2.62 -14.67
CA TYR A 107 14.01 1.54 -14.01
C TYR A 107 14.49 1.33 -12.58
N LEU A 108 13.63 0.76 -11.75
CA LEU A 108 13.97 0.46 -10.36
C LEU A 108 14.80 -0.81 -10.23
N ASP A 109 15.75 -0.79 -9.29
CA ASP A 109 16.58 -1.95 -8.98
C ASP A 109 15.72 -3.16 -8.63
N GLU A 110 16.14 -4.34 -9.07
CA GLU A 110 15.47 -5.56 -8.67
C GLU A 110 15.47 -5.79 -7.14
N GLU A 111 16.51 -5.32 -6.44
CA GLU A 111 16.59 -5.46 -4.97
C GLU A 111 15.49 -4.66 -4.28
N PHE A 112 15.17 -3.50 -4.84
CA PHE A 112 14.06 -2.70 -4.35
C PHE A 112 12.75 -3.46 -4.53
N VAL A 113 12.54 -4.03 -5.71
CA VAL A 113 11.32 -4.75 -5.99
C VAL A 113 11.20 -5.96 -5.04
N LEU A 114 12.30 -6.66 -4.76
CA LEU A 114 12.29 -7.79 -3.83
C LEU A 114 11.93 -7.36 -2.40
N ARG A 115 12.45 -6.21 -1.96
CA ARG A 115 12.07 -5.65 -0.66
C ARG A 115 10.57 -5.39 -0.60
N VAL A 116 10.03 -4.69 -1.60
CA VAL A 116 8.60 -4.39 -1.61
C VAL A 116 7.81 -5.69 -1.58
N MET A 117 8.22 -6.63 -2.41
CA MET A 117 7.53 -7.90 -2.52
C MET A 117 7.52 -8.58 -1.16
N THR A 118 8.71 -8.66 -0.56
CA THR A 118 8.85 -9.35 0.72
C THR A 118 8.00 -8.68 1.82
N GLN A 119 8.14 -7.38 1.98
CA GLN A 119 7.52 -6.68 3.10
C GLN A 119 6.01 -6.46 2.93
N LEU A 120 5.55 -6.23 1.70
CA LEU A 120 4.09 -6.20 1.48
C LEU A 120 3.45 -7.57 1.70
N THR A 121 4.18 -8.64 1.41
CA THR A 121 3.64 -9.98 1.60
C THR A 121 3.50 -10.26 3.10
N LEU A 122 4.46 -9.84 3.91
CA LEU A 122 4.33 -9.95 5.36
C LEU A 122 3.21 -9.05 5.87
N ALA A 123 3.02 -7.89 5.25
CA ALA A 123 1.90 -7.03 5.65
C ALA A 123 0.58 -7.73 5.39
N LEU A 124 0.44 -8.33 4.20
CA LEU A 124 -0.80 -9.02 3.81
C LEU A 124 -1.06 -10.18 4.73
N LYS A 125 0.01 -10.95 4.98
CA LYS A 125 -0.06 -12.09 5.89
C LYS A 125 -0.62 -11.70 7.27
N GLU A 126 -0.33 -10.49 7.72
CA GLU A 126 -0.81 -10.03 9.02
C GLU A 126 -2.27 -9.60 8.92
N CYS A 127 -2.63 -8.92 7.82
CA CYS A 127 -4.03 -8.56 7.54
C CYS A 127 -4.95 -9.77 7.45
N HIS A 128 -4.46 -10.87 6.86
CA HIS A 128 -5.24 -12.10 6.68
C HIS A 128 -5.41 -12.86 8.00
N ARG A 129 -4.49 -12.62 8.92
CA ARG A 129 -4.54 -13.27 10.22
C ARG A 129 -5.56 -12.59 11.11
N ARG A 130 -5.83 -11.31 10.84
CA ARG A 130 -6.76 -10.53 11.65
C ARG A 130 -8.18 -10.51 11.10
N SER A 131 -8.54 -11.52 10.32
CA SER A 131 -9.88 -11.59 9.73
C SER A 131 -10.80 -12.53 10.50
N LEU A 142 -4.84 -1.79 -2.15
CA LEU A 142 -3.44 -2.08 -2.47
C LEU A 142 -3.08 -1.46 -3.80
N LYS A 143 -2.42 -0.32 -3.75
CA LYS A 143 -2.05 0.43 -4.95
C LYS A 143 -0.84 1.29 -4.58
N PRO A 144 -0.10 1.78 -5.58
CA PRO A 144 1.14 2.48 -5.26
C PRO A 144 1.02 3.67 -4.30
N ALA A 145 -0.16 4.30 -4.25
CA ALA A 145 -0.35 5.53 -3.46
C ALA A 145 -0.63 5.24 -1.99
N ASN A 146 -0.86 3.99 -1.72
CA ASN A 146 -1.10 3.43 -0.40
C ASN A 146 0.03 2.64 0.23
N VAL A 147 1.20 2.77 -0.36
CA VAL A 147 2.36 2.05 0.12
C VAL A 147 3.44 3.08 0.41
N PHE A 148 4.02 3.04 1.61
CA PHE A 148 4.98 4.08 1.98
C PHE A 148 6.35 3.50 2.31
N LEU A 149 7.37 4.37 2.22
CA LEU A 149 8.73 4.05 2.58
C LEU A 149 9.16 4.89 3.78
N ASP A 150 9.83 4.28 4.75
CA ASP A 150 10.36 5.05 5.88
C ASP A 150 11.77 5.50 5.53
N GLY A 151 12.59 5.82 6.53
CA GLY A 151 13.92 6.33 6.23
C GLY A 151 15.01 5.25 6.15
N LYS A 152 14.62 3.97 6.21
CA LYS A 152 15.61 2.91 6.32
C LYS A 152 15.33 1.78 5.35
N GLN A 153 14.64 2.09 4.27
CA GLN A 153 14.28 1.13 3.22
C GLN A 153 13.14 0.22 3.61
N ASN A 154 12.45 0.52 4.70
CA ASN A 154 11.33 -0.36 5.06
C ASN A 154 10.07 0.02 4.32
N VAL A 155 9.24 -0.97 4.07
CA VAL A 155 8.02 -0.77 3.29
C VAL A 155 6.82 -0.90 4.21
N LYS A 156 5.91 0.07 4.13
CA LYS A 156 4.74 0.12 5.03
C LYS A 156 3.41 0.28 4.29
N LEU A 157 2.50 -0.63 4.57
CA LEU A 157 1.17 -0.58 3.99
C LEU A 157 0.27 0.35 4.80
N GLY A 158 -0.31 1.33 4.11
CA GLY A 158 -1.17 2.31 4.75
C GLY A 158 -2.61 2.22 4.30
N ASP A 159 -3.19 3.37 4.02
CA ASP A 159 -4.60 3.47 3.63
C ASP A 159 -4.97 4.92 3.34
N THR A 179 -9.80 2.49 -15.05
CA THR A 179 -9.47 3.07 -13.77
C THR A 179 -9.30 2.02 -12.62
N PRO A 180 -10.04 0.88 -12.64
CA PRO A 180 -9.70 -0.09 -11.59
C PRO A 180 -8.65 -1.08 -12.09
N TYR A 181 -7.43 -0.59 -12.28
CA TYR A 181 -6.34 -1.36 -12.87
C TYR A 181 -6.06 -2.68 -12.18
N TYR A 182 -6.29 -2.73 -10.87
CA TYR A 182 -5.86 -3.89 -10.07
C TYR A 182 -7.03 -4.82 -9.72
N MET A 183 -8.20 -4.59 -10.32
CA MET A 183 -9.36 -5.42 -10.03
C MET A 183 -9.18 -6.79 -10.66
N SER A 184 -9.14 -7.83 -9.83
CA SER A 184 -8.90 -9.20 -10.28
C SER A 184 -10.09 -9.70 -11.07
N PRO A 185 -9.90 -10.76 -11.87
CA PRO A 185 -11.03 -11.32 -12.62
C PRO A 185 -12.15 -11.83 -11.71
N GLU A 186 -11.82 -12.39 -10.54
CA GLU A 186 -12.88 -12.94 -9.69
C GLU A 186 -13.69 -11.83 -9.06
N GLN A 187 -13.02 -10.79 -8.55
CA GLN A 187 -13.70 -9.62 -8.01
C GLN A 187 -14.20 -8.74 -9.14
N MET A 188 -14.69 -9.39 -10.20
CA MET A 188 -15.15 -8.75 -11.42
C MET A 188 -16.21 -9.62 -12.08
N ASN A 189 -16.29 -10.89 -11.66
CA ASN A 189 -17.28 -11.82 -12.19
C ASN A 189 -18.39 -12.14 -11.19
N ASN A 194 -11.65 -13.34 -0.63
CA ASN A 194 -10.64 -14.19 -1.25
C ASN A 194 -9.25 -13.60 -1.08
N GLU A 195 -8.42 -14.23 -0.25
CA GLU A 195 -7.06 -13.76 -0.04
C GLU A 195 -6.25 -13.73 -1.34
N LYS A 196 -6.59 -14.65 -2.25
CA LYS A 196 -5.89 -14.75 -3.51
C LYS A 196 -6.15 -13.53 -4.38
N SER A 197 -7.22 -12.80 -4.09
CA SER A 197 -7.49 -11.55 -4.78
C SER A 197 -6.46 -10.49 -4.43
N ASP A 198 -5.92 -10.56 -3.21
CA ASP A 198 -4.87 -9.63 -2.81
C ASP A 198 -3.57 -10.01 -3.50
N ILE A 199 -3.37 -11.29 -3.77
CA ILE A 199 -2.15 -11.72 -4.46
C ILE A 199 -2.19 -11.11 -5.88
N TRP A 200 -3.35 -11.12 -6.53
CA TRP A 200 -3.46 -10.51 -7.86
C TRP A 200 -3.10 -9.03 -7.81
N SER A 201 -3.64 -8.31 -6.84
CA SER A 201 -3.29 -6.89 -6.67
C SER A 201 -1.79 -6.70 -6.40
N LEU A 202 -1.23 -7.48 -5.49
CA LEU A 202 0.22 -7.44 -5.27
C LEU A 202 0.95 -7.63 -6.60
N GLY A 203 0.52 -8.64 -7.34
CA GLY A 203 1.09 -8.93 -8.64
C GLY A 203 1.06 -7.72 -9.57
N CYS A 204 -0.07 -7.00 -9.59
CA CYS A 204 -0.21 -5.83 -10.45
C CYS A 204 0.73 -4.72 -10.02
N LEU A 205 0.88 -4.58 -8.70
CA LEU A 205 1.71 -3.53 -8.12
C LEU A 205 3.18 -3.77 -8.46
N LEU A 206 3.64 -5.00 -8.27
CA LEU A 206 5.04 -5.31 -8.53
C LEU A 206 5.34 -5.20 -10.02
N TYR A 207 4.39 -5.61 -10.85
CA TYR A 207 4.54 -5.49 -12.31
C TYR A 207 4.79 -4.03 -12.66
N GLU A 208 3.97 -3.15 -12.08
CA GLU A 208 4.05 -1.75 -12.41
C GLU A 208 5.35 -1.11 -11.91
N LEU A 209 5.87 -1.58 -10.79
CA LEU A 209 7.18 -1.14 -10.31
C LEU A 209 8.25 -1.51 -11.32
N CYS A 210 8.12 -2.69 -11.91
CA CYS A 210 9.10 -3.12 -12.90
C CYS A 210 8.91 -2.39 -14.23
N ALA A 211 7.68 -2.39 -14.77
CA ALA A 211 7.46 -1.92 -16.14
C ALA A 211 7.16 -0.45 -16.21
N LEU A 212 6.89 0.14 -15.05
CA LEU A 212 6.49 1.54 -14.90
C LEU A 212 5.16 1.79 -15.59
N MET A 213 4.43 0.71 -15.84
CA MET A 213 3.05 0.81 -16.29
C MET A 213 2.34 -0.46 -15.79
N PRO A 214 1.01 -0.39 -15.62
CA PRO A 214 0.24 -1.55 -15.16
C PRO A 214 0.23 -2.66 -16.21
N PRO A 215 -0.17 -3.87 -15.84
CA PRO A 215 -0.12 -4.97 -16.80
C PRO A 215 -1.17 -4.78 -17.88
N PHE A 216 -2.29 -4.22 -17.48
CA PHE A 216 -3.46 -4.07 -18.33
C PHE A 216 -3.84 -2.60 -18.42
N THR A 217 -3.82 -2.03 -19.61
CA THR A 217 -4.24 -0.65 -19.80
C THR A 217 -5.35 -0.57 -20.83
N ALA A 218 -6.20 0.44 -20.71
CA ALA A 218 -7.31 0.60 -21.64
C ALA A 218 -7.87 2.00 -21.50
N PHE A 219 -8.61 2.43 -22.51
CA PHE A 219 -9.24 3.74 -22.47
C PHE A 219 -10.66 3.67 -21.93
N SER A 220 -11.24 2.46 -21.94
CA SER A 220 -12.57 2.26 -21.37
C SER A 220 -12.56 1.14 -20.35
N GLN A 221 -13.67 1.02 -19.63
CA GLN A 221 -13.82 -0.02 -18.63
C GLN A 221 -14.05 -1.38 -19.26
N LYS A 222 -14.86 -1.43 -20.32
CA LYS A 222 -15.14 -2.70 -20.98
C LYS A 222 -13.89 -3.21 -21.66
N GLU A 223 -13.15 -2.30 -22.32
CA GLU A 223 -11.87 -2.66 -22.89
C GLU A 223 -10.95 -3.22 -21.80
N LEU A 224 -10.86 -2.51 -20.69
CA LEU A 224 -10.05 -2.96 -19.56
C LEU A 224 -10.43 -4.34 -19.06
N ALA A 225 -11.72 -4.53 -18.78
CA ALA A 225 -12.21 -5.82 -18.33
C ALA A 225 -11.96 -6.88 -19.40
N GLY A 226 -12.05 -6.48 -20.66
CA GLY A 226 -11.66 -7.34 -21.75
C GLY A 226 -10.25 -7.89 -21.57
N LYS A 227 -9.28 -7.00 -21.51
CA LYS A 227 -7.87 -7.42 -21.37
C LYS A 227 -7.56 -8.23 -20.10
N ILE A 228 -8.14 -7.83 -18.96
CA ILE A 228 -7.92 -8.56 -17.71
C ILE A 228 -8.33 -10.02 -17.86
N ARG A 229 -9.50 -10.26 -18.45
CA ARG A 229 -10.02 -11.63 -18.56
C ARG A 229 -9.20 -12.48 -19.50
N GLU A 230 -8.58 -11.86 -20.50
CA GLU A 230 -7.72 -12.57 -21.44
C GLU A 230 -6.37 -12.93 -20.78
N GLY A 231 -5.96 -12.15 -19.79
CA GLY A 231 -4.81 -12.50 -18.96
C GLY A 231 -3.46 -12.43 -19.64
N LYS A 232 -3.33 -11.54 -20.62
CA LYS A 232 -2.10 -11.42 -21.39
CA LYS A 232 -2.11 -11.40 -21.41
C LYS A 232 -1.44 -10.05 -21.15
N PHE A 233 -0.12 -10.03 -21.14
CA PHE A 233 0.62 -8.82 -20.84
C PHE A 233 2.05 -8.99 -21.35
N ARG A 234 2.76 -7.87 -21.52
CA ARG A 234 4.15 -7.97 -21.91
C ARG A 234 4.96 -8.56 -20.75
N ARG A 235 6.11 -9.15 -21.06
CA ARG A 235 7.05 -9.55 -20.04
C ARG A 235 7.53 -8.28 -19.39
N ILE A 236 7.86 -8.32 -18.09
CA ILE A 236 8.48 -7.16 -17.44
C ILE A 236 9.84 -6.96 -18.12
N PRO A 237 10.45 -5.77 -17.97
CA PRO A 237 11.66 -5.56 -18.78
C PRO A 237 12.75 -6.61 -18.55
N TYR A 238 13.56 -6.83 -19.59
CA TYR A 238 14.58 -7.87 -19.57
C TYR A 238 15.70 -7.66 -18.55
N ARG A 239 15.83 -6.44 -18.04
CA ARG A 239 16.84 -6.19 -17.00
C ARG A 239 16.53 -7.01 -15.75
N TYR A 240 15.26 -7.38 -15.58
CA TYR A 240 14.80 -8.20 -14.46
C TYR A 240 14.91 -9.71 -14.72
N SER A 241 15.27 -10.44 -13.67
CA SER A 241 15.57 -11.87 -13.80
C SER A 241 14.35 -12.70 -14.15
N ASP A 242 14.57 -13.81 -14.86
CA ASP A 242 13.51 -14.77 -15.14
C ASP A 242 12.78 -15.19 -13.86
N GLU A 243 13.51 -15.34 -12.77
CA GLU A 243 12.90 -15.77 -11.52
C GLU A 243 11.88 -14.74 -10.98
N LEU A 244 12.20 -13.45 -11.11
CA LEU A 244 11.28 -12.39 -10.65
C LEU A 244 10.06 -12.33 -11.54
N ASN A 245 10.31 -12.44 -12.85
CA ASN A 245 9.24 -12.48 -13.81
C ASN A 245 8.29 -13.64 -13.61
N GLU A 246 8.85 -14.82 -13.38
CA GLU A 246 8.07 -16.01 -13.06
C GLU A 246 7.08 -15.80 -11.89
N ILE A 247 7.55 -15.23 -10.77
CA ILE A 247 6.67 -15.13 -9.60
C ILE A 247 5.64 -14.02 -9.79
N ILE A 248 6.03 -12.91 -10.42
CA ILE A 248 5.06 -11.87 -10.74
C ILE A 248 3.98 -12.42 -11.67
N THR A 249 4.38 -13.19 -12.67
CA THR A 249 3.46 -13.79 -13.62
C THR A 249 2.53 -14.79 -12.92
N ARG A 250 3.05 -15.53 -11.95
CA ARG A 250 2.20 -16.45 -11.19
CA ARG A 250 2.21 -16.45 -11.18
C ARG A 250 1.11 -15.70 -10.41
N MET A 251 1.47 -14.56 -9.81
CA MET A 251 0.48 -13.75 -9.06
C MET A 251 -0.63 -13.22 -9.98
N LEU A 252 -0.31 -13.08 -11.27
CA LEU A 252 -1.24 -12.57 -12.27
C LEU A 252 -1.99 -13.69 -13.00
N ASN A 253 -1.98 -14.90 -12.44
CA ASN A 253 -2.70 -16.01 -13.06
C ASN A 253 -4.20 -15.76 -13.08
N LEU A 254 -4.88 -16.23 -14.12
CA LEU A 254 -6.33 -16.04 -14.21
C LEU A 254 -7.05 -16.85 -13.14
N LYS A 255 -6.50 -18.00 -12.79
CA LYS A 255 -7.06 -18.85 -11.72
C LYS A 255 -6.46 -18.49 -10.37
N ASP A 256 -7.30 -17.98 -9.46
CA ASP A 256 -6.82 -17.65 -8.14
C ASP A 256 -6.15 -18.84 -7.48
N TYR A 257 -6.62 -20.06 -7.76
CA TYR A 257 -5.98 -21.20 -7.12
C TYR A 257 -4.60 -21.50 -7.72
N HIS A 258 -4.24 -20.83 -8.81
CA HIS A 258 -2.90 -21.05 -9.39
C HIS A 258 -1.91 -20.00 -8.91
N ARG A 259 -2.42 -18.96 -8.27
CA ARG A 259 -1.57 -17.91 -7.73
C ARG A 259 -0.90 -18.40 -6.46
N PRO A 260 0.35 -17.97 -6.21
CA PRO A 260 1.03 -18.43 -5.00
C PRO A 260 0.38 -17.86 -3.75
N SER A 261 0.45 -18.58 -2.64
CA SER A 261 0.01 -18.06 -1.36
C SER A 261 1.12 -17.22 -0.75
N VAL A 262 0.79 -16.50 0.31
CA VAL A 262 1.76 -15.78 1.14
C VAL A 262 2.93 -16.67 1.54
N GLU A 263 2.64 -17.88 1.99
CA GLU A 263 3.69 -18.81 2.35
C GLU A 263 4.52 -19.25 1.13
N GLU A 264 3.86 -19.57 0.01
CA GLU A 264 4.61 -19.97 -1.17
C GLU A 264 5.47 -18.81 -1.70
N ILE A 265 5.00 -17.58 -1.55
CA ILE A 265 5.82 -16.43 -1.92
C ILE A 265 7.09 -16.31 -1.06
N LEU A 266 6.97 -16.41 0.25
CA LEU A 266 8.14 -16.27 1.14
C LEU A 266 9.13 -17.43 1.09
N GLU A 267 8.70 -18.58 0.58
CA GLU A 267 9.60 -19.71 0.30
C GLU A 267 10.51 -19.47 -0.91
N ASN A 268 10.19 -18.44 -1.71
CA ASN A 268 10.89 -18.25 -2.98
C ASN A 268 12.36 -17.96 -2.72
N PRO A 269 13.25 -18.67 -3.46
CA PRO A 269 14.69 -18.49 -3.28
C PRO A 269 15.16 -17.04 -3.45
N LEU A 270 14.40 -16.20 -4.15
CA LEU A 270 14.79 -14.79 -4.35
C LEU A 270 14.81 -14.01 -3.03
N ILE A 271 13.98 -14.43 -2.08
CA ILE A 271 13.72 -13.63 -0.89
C ILE A 271 14.67 -13.99 0.29
N LEU A 272 15.42 -12.97 0.73
CA LEU A 272 16.49 -13.16 1.70
C LEU A 272 16.29 -12.26 2.92
N GLU A 273 17.01 -12.54 4.01
CA GLU A 273 16.86 -11.78 5.25
C GLU A 273 16.96 -10.28 4.99
N HIS A 274 17.96 -9.87 4.22
CA HIS A 274 18.19 -8.44 4.04
C HIS A 274 17.05 -7.73 3.30
N HIS A 275 16.17 -8.47 2.60
CA HIS A 275 14.96 -7.86 1.98
C HIS A 275 13.87 -7.57 3.02
N HIS A 276 14.03 -8.09 4.24
CA HIS A 276 13.04 -7.88 5.31
C HIS A 276 13.23 -6.53 6.00
N HIS A 277 12.32 -6.17 6.90
CA HIS A 277 12.44 -4.92 7.66
C HIS A 277 13.62 -4.93 8.64
N HIS A 278 14.16 -3.75 8.93
CA HIS A 278 15.20 -3.56 9.94
C HIS A 278 15.03 -2.22 10.63
N HIS A 279 15.08 -2.24 11.96
CA HIS A 279 15.04 -1.02 12.76
C HIS A 279 16.32 -0.22 12.63
#